data_1JNM
#
_entry.id   1JNM
#
_cell.length_a   40.719
_cell.length_b   78.213
_cell.length_c   57.342
_cell.angle_alpha   90.00
_cell.angle_beta   110.79
_cell.angle_gamma   90.00
#
_symmetry.space_group_name_H-M   'P 1 21 1'
#
loop_
_entity.id
_entity.type
_entity.pdbx_description
1 polymer "5'-D(*CP*GP*TP*CP*GP*AP*TP*GP*AP*CP*GP*TP*CP*AP*TP*CP*GP*AP*CP*G)-3'"
2 polymer 'PROTO-ONCOGENE C-JUN'
3 water water
#
loop_
_entity_poly.entity_id
_entity_poly.type
_entity_poly.pdbx_seq_one_letter_code
_entity_poly.pdbx_strand_id
1 'polydeoxyribonucleotide' (DC)(DG)(DT)(DC)(DG)(DA)(DT)(DG)(DA)(DC)(DG)(DT)(DC)(DA)(DT)(DC)(DG)(DA)(DC)(DG) C,D
2 'polypeptide(L)' KAERKRMRNRIAASKSRKRKLERIARLEEKVKTLKAQNSELASTANMLREQVAQLKQKVMNH A,B
#
# COMPACT_ATOMS: atom_id res chain seq x y z
N LYS C 1 6.68 3.66 41.70
CA LYS C 1 7.89 4.52 41.78
C LYS C 1 8.28 5.05 40.41
N ALA C 2 8.31 6.38 40.30
CA ALA C 2 8.63 7.10 39.07
C ALA C 2 9.69 6.41 38.22
N GLU C 3 10.77 5.98 38.87
CA GLU C 3 11.84 5.28 38.17
C GLU C 3 11.26 4.17 37.30
N ARG C 4 10.64 3.20 37.97
CA ARG C 4 10.04 2.03 37.34
C ARG C 4 9.05 2.34 36.24
N LYS C 5 8.29 3.42 36.42
CA LYS C 5 7.33 3.79 35.39
C LYS C 5 8.14 4.02 34.12
N ARG C 6 9.27 4.69 34.25
CA ARG C 6 10.10 4.97 33.09
C ARG C 6 10.75 3.74 32.50
N MET C 7 11.05 2.75 33.34
CA MET C 7 11.66 1.52 32.83
C MET C 7 10.63 0.84 31.93
N ARG C 8 9.42 0.72 32.44
CA ARG C 8 8.36 0.09 31.69
C ARG C 8 8.06 0.82 30.38
N ASN C 9 7.98 2.15 30.45
CA ASN C 9 7.66 2.91 29.25
C ASN C 9 8.75 2.74 28.19
N ARG C 10 9.94 2.38 28.63
CA ARG C 10 11.05 2.17 27.72
C ARG C 10 10.76 0.90 26.88
N ILE C 11 10.31 -0.16 27.56
CA ILE C 11 9.96 -1.38 26.89
C ILE C 11 8.80 -1.10 25.95
N ALA C 12 7.74 -0.52 26.50
CA ALA C 12 6.57 -0.20 25.70
C ALA C 12 6.94 0.51 24.41
N ALA C 13 7.94 1.39 24.45
CA ALA C 13 8.30 2.13 23.25
C ALA C 13 8.94 1.20 22.24
N SER C 14 9.63 0.18 22.74
CA SER C 14 10.29 -0.75 21.85
C SER C 14 9.22 -1.55 21.05
N LYS C 15 8.14 -1.97 21.71
CA LYS C 15 7.03 -2.69 21.09
C LYS C 15 6.38 -1.79 20.06
N SER C 16 5.97 -0.62 20.52
CA SER C 16 5.32 0.36 19.68
C SER C 16 6.10 0.56 18.37
N ARG C 17 7.40 0.85 18.47
CA ARG C 17 8.19 1.04 17.27
C ARG C 17 8.24 -0.22 16.45
N LYS C 18 8.17 -1.35 17.14
CA LYS C 18 8.25 -2.61 16.46
C LYS C 18 6.98 -2.82 15.64
N ARG C 19 5.83 -2.53 16.23
CA ARG C 19 4.55 -2.68 15.55
C ARG C 19 4.37 -1.69 14.41
N LYS C 20 4.97 -0.51 14.50
CA LYS C 20 4.83 0.47 13.44
C LYS C 20 5.63 -0.05 12.27
N LEU C 21 6.72 -0.73 12.59
CA LEU C 21 7.55 -1.28 11.54
C LEU C 21 6.77 -2.37 10.81
N GLU C 22 6.19 -3.28 11.56
CA GLU C 22 5.41 -4.38 11.00
C GLU C 22 4.24 -3.84 10.19
N ARG C 23 3.64 -2.78 10.69
CA ARG C 23 2.51 -2.20 9.99
C ARG C 23 2.96 -1.63 8.65
N ILE C 24 4.10 -0.96 8.63
CA ILE C 24 4.58 -0.39 7.37
C ILE C 24 4.93 -1.56 6.45
N ALA C 25 5.44 -2.65 6.99
CA ALA C 25 5.80 -3.77 6.12
C ALA C 25 4.53 -4.32 5.47
N ARG C 26 3.44 -4.34 6.23
CA ARG C 26 2.16 -4.81 5.71
C ARG C 26 1.73 -3.92 4.55
N LEU C 27 1.74 -2.60 4.75
CA LEU C 27 1.35 -1.71 3.69
C LEU C 27 2.19 -1.98 2.45
N GLU C 28 3.49 -2.15 2.64
CA GLU C 28 4.33 -2.38 1.49
C GLU C 28 4.00 -3.68 0.80
N GLU C 29 3.73 -4.71 1.57
CA GLU C 29 3.40 -5.99 0.99
C GLU C 29 2.05 -5.94 0.28
N LYS C 30 1.12 -5.15 0.83
CA LYS C 30 -0.20 -5.04 0.22
C LYS C 30 -0.06 -4.38 -1.13
N VAL C 31 0.71 -3.30 -1.22
CA VAL C 31 0.89 -2.63 -2.50
C VAL C 31 1.42 -3.64 -3.51
N LYS C 32 2.36 -4.46 -3.07
CA LYS C 32 2.96 -5.45 -3.94
C LYS C 32 1.93 -6.46 -4.44
N THR C 33 1.10 -6.99 -3.55
CA THR C 33 0.11 -7.97 -3.93
C THR C 33 -1.00 -7.36 -4.77
N LEU C 34 -1.47 -6.16 -4.40
CA LEU C 34 -2.52 -5.54 -5.19
C LEU C 34 -2.03 -5.33 -6.61
N LYS C 35 -0.76 -5.00 -6.75
CA LYS C 35 -0.23 -4.81 -8.09
C LYS C 35 -0.28 -6.12 -8.87
N ALA C 36 0.04 -7.23 -8.20
CA ALA C 36 0.00 -8.51 -8.88
C ALA C 36 -1.42 -8.83 -9.34
N GLN C 37 -2.38 -8.71 -8.43
CA GLN C 37 -3.76 -8.98 -8.78
C GLN C 37 -4.17 -8.10 -9.95
N ASN C 38 -3.84 -6.81 -9.85
CA ASN C 38 -4.13 -5.87 -10.90
C ASN C 38 -3.70 -6.44 -12.25
N SER C 39 -2.50 -6.99 -12.29
CA SER C 39 -1.97 -7.52 -13.54
C SER C 39 -2.79 -8.69 -14.04
N GLU C 40 -3.06 -9.63 -13.14
CA GLU C 40 -3.85 -10.79 -13.48
C GLU C 40 -5.18 -10.36 -14.09
N LEU C 41 -5.91 -9.51 -13.37
CA LEU C 41 -7.19 -9.07 -13.89
C LEU C 41 -7.05 -8.32 -15.20
N ALA C 42 -5.96 -7.58 -15.38
CA ALA C 42 -5.77 -6.83 -16.64
C ALA C 42 -5.60 -7.77 -17.83
N SER C 43 -4.71 -8.75 -17.68
CA SER C 43 -4.48 -9.67 -18.76
C SER C 43 -5.67 -10.58 -18.92
N THR C 44 -6.30 -10.97 -17.82
CA THR C 44 -7.48 -11.82 -17.95
C THR C 44 -8.51 -11.11 -18.84
N ALA C 45 -8.65 -9.81 -18.67
CA ALA C 45 -9.60 -9.08 -19.48
C ALA C 45 -9.27 -9.27 -20.97
N ASN C 46 -8.01 -9.06 -21.34
CA ASN C 46 -7.59 -9.24 -22.72
C ASN C 46 -7.79 -10.67 -23.20
N MET C 47 -7.70 -11.60 -22.27
CA MET C 47 -7.91 -13.00 -22.60
C MET C 47 -9.37 -13.06 -23.06
N LEU C 48 -10.24 -12.37 -22.31
CA LEU C 48 -11.67 -12.35 -22.61
C LEU C 48 -11.99 -11.52 -23.84
N ARG C 49 -11.12 -10.58 -24.20
CA ARG C 49 -11.36 -9.78 -25.40
C ARG C 49 -11.00 -10.71 -26.57
N GLU C 50 -9.98 -11.52 -26.32
CA GLU C 50 -9.48 -12.50 -27.27
C GLU C 50 -10.67 -13.44 -27.51
N GLN C 51 -11.26 -13.90 -26.41
CA GLN C 51 -12.40 -14.79 -26.49
C GLN C 51 -13.63 -14.08 -27.07
N VAL C 52 -13.69 -12.76 -26.97
CA VAL C 52 -14.82 -12.01 -27.52
C VAL C 52 -14.54 -11.76 -29.00
N ALA C 53 -13.28 -11.93 -29.38
CA ALA C 53 -12.86 -11.75 -30.76
C ALA C 53 -13.15 -13.04 -31.52
N GLN C 54 -12.85 -14.16 -30.86
CA GLN C 54 -13.06 -15.49 -31.44
C GLN C 54 -14.52 -15.68 -31.80
N LEU C 55 -15.38 -14.78 -31.32
CA LEU C 55 -16.80 -14.89 -31.59
C LEU C 55 -17.29 -13.98 -32.72
N LYS C 56 -16.50 -13.83 -33.78
CA LYS C 56 -16.88 -12.98 -34.89
C LYS C 56 -16.52 -13.54 -36.27
N LYS D 1 30.92 24.12 15.80
CA LYS D 1 30.59 24.11 17.25
C LYS D 1 29.53 23.05 17.55
N ALA D 2 29.80 22.24 18.58
CA ALA D 2 28.91 21.16 18.98
C ALA D 2 27.50 21.63 19.21
N GLU D 3 27.33 22.58 20.12
CA GLU D 3 26.02 23.11 20.44
C GLU D 3 25.18 23.36 19.18
N ARG D 4 25.77 24.02 18.18
CA ARG D 4 25.07 24.33 16.94
C ARG D 4 24.81 23.10 16.06
N LYS D 5 25.72 22.14 16.10
CA LYS D 5 25.56 20.91 15.34
C LYS D 5 24.23 20.30 15.80
N ARG D 6 24.10 20.05 17.10
CA ARG D 6 22.87 19.47 17.61
C ARG D 6 21.65 20.27 17.22
N MET D 7 21.80 21.57 17.16
CA MET D 7 20.68 22.43 16.78
C MET D 7 20.21 22.12 15.36
N ARG D 8 21.16 21.99 14.45
CA ARG D 8 20.81 21.69 13.07
C ARG D 8 20.18 20.28 12.99
N ASN D 9 20.72 19.35 13.76
CA ASN D 9 20.22 18.00 13.76
C ASN D 9 18.78 17.97 14.25
N ARG D 10 18.46 18.77 15.26
CA ARG D 10 17.10 18.78 15.72
C ARG D 10 16.21 19.10 14.52
N ILE D 11 16.62 20.09 13.74
CA ILE D 11 15.85 20.45 12.56
C ILE D 11 15.83 19.30 11.53
N ALA D 12 16.97 18.69 11.29
CA ALA D 12 17.05 17.61 10.32
C ALA D 12 16.03 16.54 10.73
N ALA D 13 16.04 16.18 12.02
CA ALA D 13 15.13 15.16 12.52
C ALA D 13 13.70 15.53 12.26
N SER D 14 13.37 16.82 12.35
CA SER D 14 12.00 17.21 12.11
C SER D 14 11.56 16.98 10.66
N LYS D 15 12.44 17.27 9.68
CA LYS D 15 12.08 17.06 8.27
C LYS D 15 12.01 15.58 7.98
N SER D 16 12.94 14.83 8.56
CA SER D 16 13.00 13.41 8.39
C SER D 16 11.68 12.78 8.88
N ARG D 17 11.24 13.11 10.11
CA ARG D 17 9.99 12.56 10.62
C ARG D 17 8.86 12.97 9.72
N LYS D 18 9.05 14.07 9.03
CA LYS D 18 8.01 14.58 8.17
C LYS D 18 7.97 13.83 6.85
N ARG D 19 9.12 13.47 6.29
CA ARG D 19 9.12 12.74 5.02
C ARG D 19 8.57 11.34 5.24
N LYS D 20 8.93 10.73 6.36
CA LYS D 20 8.45 9.40 6.70
C LYS D 20 6.94 9.45 6.80
N LEU D 21 6.43 10.54 7.33
CA LEU D 21 5.01 10.69 7.48
C LEU D 21 4.36 10.73 6.11
N GLU D 22 4.97 11.47 5.19
CA GLU D 22 4.42 11.58 3.85
C GLU D 22 4.55 10.27 3.11
N ARG D 23 5.64 9.56 3.35
CA ARG D 23 5.86 8.31 2.68
C ARG D 23 4.75 7.34 3.06
N ILE D 24 4.46 7.26 4.36
CA ILE D 24 3.43 6.36 4.83
C ILE D 24 2.07 6.73 4.25
N ALA D 25 1.76 8.02 4.18
CA ALA D 25 0.47 8.42 3.62
C ALA D 25 0.43 8.10 2.12
N ARG D 26 1.58 8.14 1.48
CA ARG D 26 1.66 7.83 0.06
C ARG D 26 1.25 6.34 -0.06
N LEU D 27 1.89 5.51 0.75
CA LEU D 27 1.61 4.09 0.77
C LEU D 27 0.14 3.81 0.98
N GLU D 28 -0.47 4.43 1.97
CA GLU D 28 -1.87 4.14 2.22
C GLU D 28 -2.73 4.63 1.08
N GLU D 29 -2.29 5.72 0.46
CA GLU D 29 -3.02 6.28 -0.66
C GLU D 29 -2.88 5.38 -1.89
N LYS D 30 -1.73 4.71 -2.03
CA LYS D 30 -1.49 3.81 -3.16
C LYS D 30 -2.38 2.58 -3.00
N VAL D 31 -2.45 2.06 -1.77
CA VAL D 31 -3.28 0.92 -1.46
C VAL D 31 -4.75 1.17 -1.79
N LYS D 32 -5.23 2.35 -1.40
CA LYS D 32 -6.62 2.71 -1.65
C LYS D 32 -6.91 2.77 -3.15
N THR D 33 -6.02 3.41 -3.89
CA THR D 33 -6.18 3.57 -5.33
C THR D 33 -5.97 2.26 -6.13
N LEU D 34 -5.11 1.37 -5.66
CA LEU D 34 -4.91 0.13 -6.36
C LEU D 34 -6.17 -0.73 -6.16
N LYS D 35 -6.83 -0.56 -5.02
CA LYS D 35 -8.05 -1.32 -4.72
C LYS D 35 -9.16 -0.91 -5.64
N ALA D 36 -9.29 0.37 -5.89
CA ALA D 36 -10.35 0.84 -6.76
C ALA D 36 -10.08 0.34 -8.17
N GLN D 37 -8.82 0.33 -8.55
CA GLN D 37 -8.45 -0.12 -9.87
C GLN D 37 -8.81 -1.62 -10.03
N ASN D 38 -8.55 -2.40 -8.99
CA ASN D 38 -8.91 -3.80 -9.01
C ASN D 38 -10.39 -3.94 -9.31
N SER D 39 -11.21 -3.26 -8.53
CA SER D 39 -12.66 -3.35 -8.69
C SER D 39 -13.10 -3.01 -10.08
N GLU D 40 -12.44 -2.00 -10.63
CA GLU D 40 -12.75 -1.57 -11.98
C GLU D 40 -12.38 -2.68 -12.97
N LEU D 41 -11.17 -3.18 -12.86
CA LEU D 41 -10.74 -4.26 -13.75
C LEU D 41 -11.63 -5.49 -13.57
N ALA D 42 -12.02 -5.79 -12.32
CA ALA D 42 -12.88 -6.95 -12.03
C ALA D 42 -14.25 -6.82 -12.70
N SER D 43 -14.84 -5.64 -12.58
CA SER D 43 -16.14 -5.40 -13.17
C SER D 43 -16.02 -5.39 -14.70
N THR D 44 -14.97 -4.75 -15.22
CA THR D 44 -14.78 -4.71 -16.66
C THR D 44 -14.71 -6.13 -17.21
N ALA D 45 -14.10 -7.04 -16.46
CA ALA D 45 -14.01 -8.41 -16.90
C ALA D 45 -15.42 -9.01 -17.08
N ASN D 46 -16.27 -8.85 -16.08
CA ASN D 46 -17.64 -9.35 -16.17
C ASN D 46 -18.40 -8.66 -17.30
N MET D 47 -18.07 -7.40 -17.52
CA MET D 47 -18.66 -6.62 -18.60
C MET D 47 -18.29 -7.32 -19.92
N LEU D 48 -17.14 -8.01 -19.91
CA LEU D 48 -16.63 -8.73 -21.08
C LEU D 48 -17.14 -10.14 -21.16
N ARG D 49 -17.37 -10.79 -20.01
CA ARG D 49 -17.89 -12.14 -20.03
C ARG D 49 -19.33 -11.99 -20.54
N GLU D 50 -19.92 -10.84 -20.25
CA GLU D 50 -21.26 -10.51 -20.68
C GLU D 50 -21.28 -10.56 -22.20
N GLN D 51 -20.41 -9.78 -22.81
CA GLN D 51 -20.28 -9.71 -24.26
C GLN D 51 -19.92 -11.08 -24.83
N VAL D 52 -19.28 -11.92 -24.03
CA VAL D 52 -18.87 -13.25 -24.47
C VAL D 52 -20.06 -14.21 -24.39
N ALA D 53 -21.04 -13.85 -23.58
CA ALA D 53 -22.25 -14.68 -23.42
C ALA D 53 -23.25 -14.30 -24.51
N GLN D 54 -23.19 -13.05 -24.95
CA GLN D 54 -24.08 -12.57 -26.00
C GLN D 54 -23.65 -13.24 -27.29
N LEU D 55 -22.36 -13.16 -27.59
CA LEU D 55 -21.83 -13.76 -28.81
C LEU D 55 -21.90 -15.27 -28.71
N LYS D 56 -22.18 -15.77 -27.50
CA LYS D 56 -22.25 -17.20 -27.22
C LYS D 56 -23.19 -18.04 -28.11
N GLN D 57 -24.20 -17.43 -28.73
CA GLN D 57 -25.11 -18.19 -29.58
C GLN D 57 -25.19 -17.74 -31.03
#